data_2E7E
#
_entry.id   2E7E
#
_cell.length_a   65.400
_cell.length_b   65.400
_cell.length_c   121.000
_cell.angle_alpha   90.00
_cell.angle_beta   90.00
_cell.angle_gamma   120.00
#
_symmetry.space_group_name_H-M   'P 32 2 1'
#
loop_
_entity.id
_entity.type
_entity.pdbx_description
1 polymer 'Heme oxygenase 1'
2 non-polymer 'CYANIDE ION'
3 non-polymer 'PROTOPORPHYRIN IX CONTAINING FE'
4 water water
#
_entity_poly.entity_id   1
_entity_poly.type   'polypeptide(L)'
_entity_poly.pdbx_seq_one_letter_code
;MERPQLDSMSQDLSEALKEATKEVHIRAENSEFMRNFQKGQVSREGFKLVMASLYHIYTALEEEIERNKQNPVYAPLYFP
EELHRRAALEQDMAFWYGPHWQEAIPYTPATQHYVKRLHEVGGTHPELLVAHAYTRYLGDLSGGQVLKKIAQKAMALPSS
GEGLAFFTFPSIDNPTKFKQLYRARMNTLEMTPEVKHRVTEEAKTAFLLNIELFEELQALLTEEHKDQSPSQTEFLRQRP
ASLVQDTTSAETPRGKSQISTSSSQTP
;
_entity_poly.pdbx_strand_id   A
#
loop_
_chem_comp.id
_chem_comp.type
_chem_comp.name
_chem_comp.formula
CYN non-polymer 'CYANIDE ION' 'C N -1'
HEM non-polymer 'PROTOPORPHYRIN IX CONTAINING FE' 'C34 H32 Fe N4 O4'
#
# COMPACT_ATOMS: atom_id res chain seq x y z
N GLN A 11 23.33 0.03 -11.43
CA GLN A 11 21.95 -0.48 -11.60
C GLN A 11 20.94 0.54 -11.09
N ASP A 12 19.99 0.94 -11.92
CA ASP A 12 18.99 1.93 -11.51
C ASP A 12 18.21 1.41 -10.30
N LEU A 13 17.81 2.34 -9.43
CA LEU A 13 17.06 1.97 -8.22
C LEU A 13 15.81 1.18 -8.56
N SER A 14 15.05 1.62 -9.56
CA SER A 14 13.82 0.93 -9.95
C SER A 14 14.07 -0.53 -10.28
N GLU A 15 15.14 -0.81 -11.01
CA GLU A 15 15.47 -2.17 -11.36
C GLU A 15 15.98 -2.94 -10.14
N ALA A 16 16.74 -2.26 -9.29
CA ALA A 16 17.28 -2.89 -8.09
C ALA A 16 16.15 -3.31 -7.15
N LEU A 17 15.12 -2.46 -7.06
CA LEU A 17 13.98 -2.74 -6.21
C LEU A 17 13.15 -3.90 -6.74
N LYS A 18 12.90 -3.93 -8.06
CA LYS A 18 12.11 -5.01 -8.63
C LYS A 18 12.83 -6.34 -8.44
N GLU A 19 14.14 -6.35 -8.66
CA GLU A 19 14.93 -7.56 -8.49
C GLU A 19 14.99 -7.98 -7.02
N ALA A 20 15.18 -7.02 -6.13
CA ALA A 20 15.27 -7.31 -4.71
C ALA A 20 13.99 -7.84 -4.11
N THR A 21 12.84 -7.45 -4.66
CA THR A 21 11.57 -7.89 -4.11
C THR A 21 10.78 -8.88 -4.96
N LYS A 22 11.35 -9.35 -6.07
CA LYS A 22 10.60 -10.27 -6.92
C LYS A 22 10.32 -11.62 -6.25
N GLU A 23 11.19 -12.06 -5.36
CA GLU A 23 10.96 -13.33 -4.69
C GLU A 23 9.89 -13.22 -3.62
N VAL A 24 10.03 -12.23 -2.74
CA VAL A 24 9.07 -12.05 -1.67
C VAL A 24 7.69 -11.67 -2.24
N HIS A 25 7.67 -11.08 -3.42
CA HIS A 25 6.40 -10.71 -4.05
C HIS A 25 5.61 -11.99 -4.33
N ILE A 26 6.31 -13.01 -4.81
CA ILE A 26 5.68 -14.30 -5.12
C ILE A 26 5.07 -14.87 -3.84
N ARG A 27 5.80 -14.79 -2.73
CA ARG A 27 5.30 -15.30 -1.46
C ARG A 27 4.11 -14.45 -0.99
N ALA A 28 4.16 -13.15 -1.26
CA ALA A 28 3.08 -12.25 -0.87
C ALA A 28 1.81 -12.47 -1.66
N GLU A 29 1.91 -12.53 -2.98
CA GLU A 29 0.73 -12.73 -3.81
C GLU A 29 0.12 -14.11 -3.61
N ASN A 30 0.89 -15.01 -2.99
CA ASN A 30 0.40 -16.36 -2.74
C ASN A 30 0.07 -16.61 -1.28
N SER A 31 -0.05 -15.54 -0.50
CA SER A 31 -0.39 -15.69 0.90
C SER A 31 -1.80 -16.29 0.91
N GLU A 32 -2.14 -16.99 1.97
CA GLU A 32 -3.44 -17.62 2.07
C GLU A 32 -4.60 -16.66 1.85
N PHE A 33 -4.55 -15.49 2.50
CA PHE A 33 -5.62 -14.51 2.35
C PHE A 33 -5.77 -14.04 0.90
N MET A 34 -4.65 -13.78 0.24
CA MET A 34 -4.67 -13.32 -1.15
C MET A 34 -5.06 -14.44 -2.10
N ARG A 35 -4.61 -15.64 -1.78
CA ARG A 35 -4.92 -16.82 -2.58
C ARG A 35 -6.43 -16.99 -2.61
N ASN A 36 -7.07 -16.81 -1.45
CA ASN A 36 -8.52 -16.92 -1.33
C ASN A 36 -9.19 -15.74 -2.03
N PHE A 37 -8.66 -14.55 -1.77
CA PHE A 37 -9.21 -13.34 -2.37
C PHE A 37 -9.20 -13.51 -3.88
N GLN A 38 -8.08 -14.01 -4.40
CA GLN A 38 -7.92 -14.23 -5.83
C GLN A 38 -8.90 -15.27 -6.38
N LYS A 39 -9.23 -16.27 -5.56
CA LYS A 39 -10.17 -17.30 -5.98
C LYS A 39 -11.59 -16.74 -6.03
N GLY A 40 -11.77 -15.58 -5.41
CA GLY A 40 -13.07 -14.96 -5.38
C GLY A 40 -13.71 -15.15 -4.02
N GLN A 41 -12.98 -15.83 -3.13
CA GLN A 41 -13.47 -16.08 -1.78
C GLN A 41 -13.09 -14.95 -0.83
N VAL A 42 -13.93 -13.91 -0.81
CA VAL A 42 -13.73 -12.75 0.05
C VAL A 42 -15.11 -12.25 0.43
N SER A 43 -15.35 -12.08 1.72
CA SER A 43 -16.64 -11.62 2.22
C SER A 43 -16.52 -10.24 2.88
N ARG A 44 -17.66 -9.64 3.17
CA ARG A 44 -17.70 -8.33 3.81
C ARG A 44 -16.85 -8.27 5.07
N GLU A 45 -16.99 -9.27 5.95
CA GLU A 45 -16.23 -9.28 7.19
C GLU A 45 -14.73 -9.17 6.95
N GLY A 46 -14.21 -10.04 6.09
CA GLY A 46 -12.79 -10.04 5.79
C GLY A 46 -12.35 -8.78 5.07
N PHE A 47 -13.13 -8.35 4.10
CA PHE A 47 -12.78 -7.15 3.34
C PHE A 47 -12.75 -5.91 4.23
N LYS A 48 -13.70 -5.81 5.15
CA LYS A 48 -13.73 -4.66 6.06
C LYS A 48 -12.48 -4.65 6.94
N LEU A 49 -12.01 -5.84 7.31
CA LEU A 49 -10.83 -5.96 8.15
C LEU A 49 -9.58 -5.45 7.43
N VAL A 50 -9.41 -5.88 6.19
CA VAL A 50 -8.23 -5.46 5.43
C VAL A 50 -8.25 -3.97 5.10
N MET A 51 -9.39 -3.45 4.67
CA MET A 51 -9.48 -2.04 4.32
C MET A 51 -9.31 -1.13 5.54
N ALA A 52 -9.79 -1.57 6.70
CA ALA A 52 -9.65 -0.79 7.93
C ALA A 52 -8.17 -0.74 8.28
N SER A 53 -7.48 -1.87 8.09
CA SER A 53 -6.05 -1.94 8.38
C SER A 53 -5.29 -1.02 7.42
N LEU A 54 -5.68 -1.03 6.14
CA LEU A 54 -5.02 -0.17 5.17
C LEU A 54 -5.26 1.29 5.52
N TYR A 55 -6.44 1.59 6.07
CA TYR A 55 -6.72 2.97 6.46
C TYR A 55 -5.63 3.45 7.43
N HIS A 56 -5.31 2.64 8.44
CA HIS A 56 -4.30 3.02 9.42
C HIS A 56 -2.91 3.12 8.78
N ILE A 57 -2.59 2.14 7.94
CA ILE A 57 -1.31 2.08 7.27
C ILE A 57 -1.06 3.26 6.34
N TYR A 58 -2.03 3.59 5.49
CA TYR A 58 -1.86 4.71 4.58
C TYR A 58 -1.90 6.03 5.32
N THR A 59 -2.65 6.09 6.42
CA THR A 59 -2.69 7.32 7.20
C THR A 59 -1.29 7.60 7.74
N ALA A 60 -0.63 6.57 8.27
CA ALA A 60 0.72 6.72 8.80
C ALA A 60 1.71 7.03 7.68
N LEU A 61 1.61 6.30 6.58
CA LEU A 61 2.51 6.49 5.44
C LEU A 61 2.43 7.92 4.90
N GLU A 62 1.21 8.40 4.69
CA GLU A 62 1.02 9.73 4.15
C GLU A 62 1.31 10.85 5.14
N GLU A 63 1.27 10.53 6.42
CA GLU A 63 1.60 11.51 7.44
C GLU A 63 3.11 11.73 7.34
N GLU A 64 3.85 10.64 7.13
CA GLU A 64 5.30 10.72 7.02
C GLU A 64 5.73 11.34 5.69
N ILE A 65 4.96 11.07 4.63
CA ILE A 65 5.26 11.65 3.32
C ILE A 65 5.13 13.18 3.44
N GLU A 66 4.07 13.63 4.10
CA GLU A 66 3.87 15.07 4.27
C GLU A 66 5.01 15.68 5.09
N ARG A 67 5.42 14.97 6.13
CA ARG A 67 6.51 15.45 6.99
C ARG A 67 7.78 15.63 6.18
N ASN A 68 8.01 14.74 5.21
CA ASN A 68 9.21 14.76 4.38
C ASN A 68 9.02 15.23 2.93
N LYS A 69 7.91 15.86 2.61
CA LYS A 69 7.68 16.28 1.23
C LYS A 69 8.75 17.19 0.63
N GLN A 70 9.40 18.00 1.46
CA GLN A 70 10.43 18.91 0.98
C GLN A 70 11.85 18.32 1.06
N ASN A 71 11.97 17.12 1.63
CA ASN A 71 13.26 16.47 1.75
C ASN A 71 13.69 15.86 0.41
N PRO A 72 14.85 16.29 -0.12
CA PRO A 72 15.36 15.78 -1.39
C PRO A 72 15.42 14.26 -1.52
N VAL A 73 15.54 13.56 -0.38
CA VAL A 73 15.61 12.10 -0.39
C VAL A 73 14.27 11.45 -0.72
N TYR A 74 13.22 12.26 -0.80
CA TYR A 74 11.89 11.75 -1.11
C TYR A 74 11.12 12.61 -2.12
N ALA A 75 11.25 13.93 -1.99
CA ALA A 75 10.56 14.91 -2.82
C ALA A 75 10.24 14.56 -4.28
N PRO A 76 11.18 13.97 -5.02
CA PRO A 76 10.84 13.65 -6.41
C PRO A 76 9.65 12.70 -6.57
N LEU A 77 9.29 12.00 -5.49
CA LEU A 77 8.18 11.06 -5.52
C LEU A 77 6.92 11.59 -4.84
N TYR A 78 6.90 12.88 -4.54
CA TYR A 78 5.75 13.48 -3.87
C TYR A 78 4.61 13.69 -4.87
N PHE A 79 3.67 12.74 -4.88
CA PHE A 79 2.52 12.78 -5.79
C PHE A 79 1.21 12.66 -5.01
N PRO A 80 0.92 13.64 -4.15
CA PRO A 80 -0.34 13.54 -3.40
C PRO A 80 -1.62 13.44 -4.22
N GLU A 81 -1.76 14.29 -5.23
CA GLU A 81 -2.96 14.30 -6.06
C GLU A 81 -3.22 12.97 -6.79
N GLU A 82 -2.17 12.39 -7.32
CA GLU A 82 -2.28 11.14 -8.06
C GLU A 82 -2.36 9.86 -7.21
N LEU A 83 -1.57 9.80 -6.16
CA LEU A 83 -1.48 8.59 -5.34
C LEU A 83 -2.09 8.48 -3.96
N HIS A 84 -2.02 9.54 -3.16
CA HIS A 84 -2.52 9.45 -1.80
C HIS A 84 -3.90 8.82 -1.69
N ARG A 85 -4.03 7.92 -0.71
CA ARG A 85 -5.24 7.15 -0.50
C ARG A 85 -6.05 7.41 0.76
N ARG A 86 -5.51 8.20 1.70
CA ARG A 86 -6.24 8.43 2.93
C ARG A 86 -7.68 8.92 2.73
N ALA A 87 -7.86 9.93 1.89
CA ALA A 87 -9.19 10.48 1.63
C ALA A 87 -10.10 9.38 1.10
N ALA A 88 -9.60 8.60 0.16
CA ALA A 88 -10.37 7.51 -0.44
C ALA A 88 -10.77 6.49 0.62
N LEU A 89 -9.81 6.13 1.48
CA LEU A 89 -10.07 5.15 2.54
C LEU A 89 -11.10 5.66 3.55
N GLU A 90 -11.11 6.97 3.80
CA GLU A 90 -12.08 7.55 4.72
C GLU A 90 -13.48 7.38 4.13
N GLN A 91 -13.58 7.48 2.81
CA GLN A 91 -14.86 7.30 2.12
C GLN A 91 -15.30 5.84 2.25
N ASP A 92 -14.35 4.94 2.01
CA ASP A 92 -14.63 3.52 2.11
C ASP A 92 -15.02 3.14 3.54
N MET A 93 -14.34 3.73 4.53
CA MET A 93 -14.65 3.42 5.92
C MET A 93 -16.08 3.83 6.26
N ALA A 94 -16.52 4.98 5.76
CA ALA A 94 -17.88 5.44 6.03
C ALA A 94 -18.88 4.50 5.34
N PHE A 95 -18.48 3.98 4.18
CA PHE A 95 -19.33 3.06 3.41
C PHE A 95 -19.50 1.72 4.12
N TRP A 96 -18.39 1.12 4.53
CA TRP A 96 -18.44 -0.18 5.19
C TRP A 96 -18.79 -0.17 6.67
N TYR A 97 -18.33 0.85 7.39
CA TYR A 97 -18.57 0.94 8.83
C TYR A 97 -19.61 1.94 9.29
N GLY A 98 -20.08 2.79 8.37
CA GLY A 98 -21.09 3.76 8.76
C GLY A 98 -20.59 5.14 9.14
N PRO A 99 -21.49 6.05 9.56
CA PRO A 99 -21.19 7.43 9.96
C PRO A 99 -20.14 7.57 11.05
N HIS A 100 -20.16 6.66 12.02
CA HIS A 100 -19.21 6.73 13.12
C HIS A 100 -18.13 5.64 13.01
N TRP A 101 -17.58 5.49 11.81
CA TRP A 101 -16.56 4.49 11.57
C TRP A 101 -15.31 4.69 12.42
N GLN A 102 -15.04 5.94 12.78
CA GLN A 102 -13.85 6.27 13.57
C GLN A 102 -13.68 5.41 14.82
N GLU A 103 -14.76 5.23 15.59
CA GLU A 103 -14.68 4.43 16.81
C GLU A 103 -15.15 2.99 16.59
N ALA A 104 -15.44 2.64 15.35
CA ALA A 104 -15.90 1.30 15.04
C ALA A 104 -14.81 0.43 14.40
N ILE A 105 -13.91 1.04 13.65
CA ILE A 105 -12.87 0.27 12.97
C ILE A 105 -11.80 -0.31 13.89
N PRO A 106 -11.32 -1.52 13.55
CA PRO A 106 -10.29 -2.21 14.32
C PRO A 106 -8.88 -1.71 14.02
N TYR A 107 -7.97 -1.93 14.95
CA TYR A 107 -6.57 -1.53 14.79
C TYR A 107 -5.77 -2.74 15.30
N THR A 108 -5.60 -3.73 14.44
CA THR A 108 -4.91 -4.96 14.81
C THR A 108 -3.42 -4.80 15.14
N PRO A 109 -2.87 -5.76 15.89
CA PRO A 109 -1.47 -5.76 16.30
C PRO A 109 -0.51 -5.67 15.10
N ALA A 110 -0.75 -6.47 14.08
CA ALA A 110 0.10 -6.46 12.89
C ALA A 110 0.02 -5.10 12.20
N THR A 111 -1.16 -4.49 12.26
CA THR A 111 -1.35 -3.17 11.65
C THR A 111 -0.53 -2.13 12.43
N GLN A 112 -0.57 -2.24 13.76
CA GLN A 112 0.17 -1.31 14.62
C GLN A 112 1.66 -1.46 14.38
N HIS A 113 2.10 -2.70 14.14
CA HIS A 113 3.50 -2.99 13.91
C HIS A 113 3.96 -2.31 12.62
N TYR A 114 3.13 -2.39 11.59
CA TYR A 114 3.41 -1.79 10.29
C TYR A 114 3.51 -0.26 10.48
N VAL A 115 2.50 0.31 11.16
CA VAL A 115 2.46 1.74 11.41
C VAL A 115 3.69 2.20 12.23
N LYS A 116 4.12 1.37 13.18
CA LYS A 116 5.27 1.72 13.99
C LYS A 116 6.52 1.87 13.11
N ARG A 117 6.74 0.91 12.21
CA ARG A 117 7.90 1.00 11.34
C ARG A 117 7.78 2.21 10.41
N LEU A 118 6.57 2.51 9.94
CA LEU A 118 6.39 3.66 9.08
C LEU A 118 6.82 4.95 9.77
N HIS A 119 6.42 5.13 11.03
CA HIS A 119 6.81 6.33 11.77
C HIS A 119 8.31 6.35 12.09
N GLU A 120 8.92 5.18 12.25
CA GLU A 120 10.35 5.11 12.53
C GLU A 120 11.08 5.59 11.27
N VAL A 121 10.67 5.08 10.13
CA VAL A 121 11.29 5.45 8.86
C VAL A 121 11.10 6.94 8.54
N GLY A 122 9.86 7.40 8.60
CA GLY A 122 9.58 8.80 8.30
C GLY A 122 10.24 9.78 9.25
N GLY A 123 10.34 9.42 10.51
CA GLY A 123 10.94 10.34 11.47
C GLY A 123 12.44 10.22 11.65
N THR A 124 12.97 9.02 11.48
CA THR A 124 14.40 8.79 11.69
C THR A 124 15.22 8.38 10.47
N HIS A 125 14.61 7.65 9.55
CA HIS A 125 15.31 7.19 8.34
C HIS A 125 14.54 7.61 7.09
N PRO A 126 14.29 8.93 6.92
CA PRO A 126 13.55 9.39 5.74
C PRO A 126 14.06 8.95 4.38
N GLU A 127 15.36 8.66 4.27
CA GLU A 127 15.92 8.22 3.00
C GLU A 127 15.37 6.85 2.60
N LEU A 128 14.72 6.16 3.54
CA LEU A 128 14.15 4.85 3.24
C LEU A 128 12.65 4.90 2.97
N LEU A 129 12.05 6.08 3.15
CA LEU A 129 10.60 6.21 2.94
C LEU A 129 10.19 5.76 1.54
N VAL A 130 11.05 5.99 0.56
CA VAL A 130 10.76 5.60 -0.82
C VAL A 130 10.43 4.11 -0.92
N ALA A 131 11.11 3.30 -0.11
CA ALA A 131 10.86 1.86 -0.12
C ALA A 131 9.41 1.53 0.24
N HIS A 132 8.86 2.28 1.20
CA HIS A 132 7.49 2.05 1.63
C HIS A 132 6.44 2.57 0.66
N ALA A 133 6.72 3.69 0.01
CA ALA A 133 5.77 4.25 -0.97
C ALA A 133 5.75 3.31 -2.18
N TYR A 134 6.93 2.89 -2.60
CA TYR A 134 7.09 1.97 -3.72
C TYR A 134 6.28 0.69 -3.49
N THR A 135 6.52 0.05 -2.35
CA THR A 135 5.85 -1.19 -2.02
C THR A 135 4.32 -1.10 -2.05
N ARG A 136 3.74 -0.06 -1.46
CA ARG A 136 2.30 0.05 -1.46
C ARG A 136 1.73 0.64 -2.76
N TYR A 137 2.15 1.84 -3.14
CA TYR A 137 1.59 2.48 -4.34
C TYR A 137 1.76 1.76 -5.67
N LEU A 138 2.96 1.24 -5.96
CA LEU A 138 3.11 0.56 -7.24
C LEU A 138 2.27 -0.72 -7.25
N GLY A 139 2.07 -1.29 -6.07
CA GLY A 139 1.25 -2.49 -5.99
C GLY A 139 -0.19 -2.13 -6.26
N ASP A 140 -0.67 -1.05 -5.64
CA ASP A 140 -2.04 -0.60 -5.84
C ASP A 140 -2.34 -0.39 -7.33
N LEU A 141 -1.33 0.05 -8.08
CA LEU A 141 -1.51 0.29 -9.50
C LEU A 141 -1.29 -0.95 -10.35
N SER A 142 -1.04 -2.08 -9.69
CA SER A 142 -0.80 -3.33 -10.40
C SER A 142 -1.81 -4.38 -9.96
N GLY A 143 -1.40 -5.25 -9.03
CA GLY A 143 -2.30 -6.28 -8.54
C GLY A 143 -3.54 -5.70 -7.90
N GLY A 144 -3.41 -4.52 -7.29
CA GLY A 144 -4.54 -3.89 -6.66
C GLY A 144 -5.68 -3.69 -7.65
N GLN A 145 -5.34 -3.46 -8.92
CA GLN A 145 -6.36 -3.27 -9.94
C GLN A 145 -7.06 -4.59 -10.28
N VAL A 146 -6.33 -5.69 -10.16
CA VAL A 146 -6.92 -7.00 -10.42
C VAL A 146 -7.81 -7.35 -9.23
N LEU A 147 -7.33 -7.06 -8.02
CA LEU A 147 -8.13 -7.34 -6.83
C LEU A 147 -9.42 -6.54 -6.82
N LYS A 148 -9.36 -5.29 -7.30
CA LYS A 148 -10.55 -4.46 -7.35
C LYS A 148 -11.67 -5.13 -8.15
N LYS A 149 -11.32 -5.67 -9.31
CA LYS A 149 -12.30 -6.34 -10.16
C LYS A 149 -12.88 -7.57 -9.47
N ILE A 150 -12.04 -8.32 -8.78
CA ILE A 150 -12.49 -9.52 -8.07
C ILE A 150 -13.44 -9.15 -6.94
N ALA A 151 -13.10 -8.10 -6.20
CA ALA A 151 -13.94 -7.65 -5.09
C ALA A 151 -15.30 -7.20 -5.61
N GLN A 152 -15.31 -6.48 -6.73
CA GLN A 152 -16.55 -6.00 -7.31
C GLN A 152 -17.50 -7.13 -7.64
N LYS A 153 -16.96 -8.15 -8.29
CA LYS A 153 -17.73 -9.31 -8.70
C LYS A 153 -18.21 -10.13 -7.51
N ALA A 154 -17.28 -10.45 -6.62
CA ALA A 154 -17.59 -11.25 -5.44
C ALA A 154 -18.63 -10.64 -4.52
N MET A 155 -18.47 -9.36 -4.19
CA MET A 155 -19.38 -8.70 -3.25
C MET A 155 -20.48 -7.84 -3.85
N ALA A 156 -20.62 -7.88 -5.17
CA ALA A 156 -21.65 -7.09 -5.85
C ALA A 156 -21.53 -5.60 -5.59
N LEU A 157 -20.33 -5.06 -5.77
CA LEU A 157 -20.10 -3.64 -5.58
C LEU A 157 -20.36 -2.95 -6.92
N PRO A 158 -21.03 -1.79 -6.91
CA PRO A 158 -21.38 -0.99 -8.09
C PRO A 158 -20.22 -0.41 -8.89
N SER A 159 -20.42 -0.29 -10.19
CA SER A 159 -19.42 0.27 -11.08
C SER A 159 -19.20 1.72 -10.72
N SER A 160 -20.15 2.31 -10.02
CA SER A 160 -20.04 3.71 -9.61
C SER A 160 -18.88 3.93 -8.64
N GLY A 161 -18.34 2.84 -8.09
CA GLY A 161 -17.20 2.95 -7.20
C GLY A 161 -17.34 2.96 -5.70
N GLU A 162 -18.56 3.11 -5.18
CA GLU A 162 -18.72 3.14 -3.73
C GLU A 162 -18.14 1.88 -3.10
N GLY A 163 -17.42 2.05 -2.00
CA GLY A 163 -16.83 0.93 -1.29
C GLY A 163 -15.46 0.49 -1.79
N LEU A 164 -15.06 1.01 -2.95
CA LEU A 164 -13.77 0.67 -3.54
C LEU A 164 -13.00 1.93 -3.96
N ALA A 165 -13.23 3.03 -3.25
CA ALA A 165 -12.54 4.27 -3.57
C ALA A 165 -11.02 4.09 -3.47
N PHE A 166 -10.58 3.23 -2.55
CA PHE A 166 -9.16 2.97 -2.38
C PHE A 166 -8.49 2.47 -3.65
N PHE A 167 -9.18 1.62 -4.39
CA PHE A 167 -8.65 1.05 -5.62
C PHE A 167 -8.86 1.92 -6.85
N THR A 168 -9.43 3.10 -6.65
CA THR A 168 -9.72 4.01 -7.75
C THR A 168 -8.81 5.23 -7.76
N PHE A 169 -8.15 5.46 -8.89
CA PHE A 169 -7.24 6.60 -9.05
C PHE A 169 -7.74 7.53 -10.14
N PRO A 170 -8.68 8.42 -9.80
CA PRO A 170 -9.27 9.37 -10.75
C PRO A 170 -8.28 10.37 -11.37
N SER A 171 -7.12 10.55 -10.75
CA SER A 171 -6.11 11.48 -11.25
C SER A 171 -5.06 10.79 -12.09
N ILE A 172 -5.21 9.49 -12.31
CA ILE A 172 -4.27 8.72 -13.12
C ILE A 172 -5.03 8.08 -14.28
N ASP A 173 -4.82 8.60 -15.48
CA ASP A 173 -5.50 8.07 -16.66
C ASP A 173 -4.97 6.70 -17.08
N ASN A 174 -3.65 6.54 -17.01
CA ASN A 174 -3.02 5.28 -17.41
C ASN A 174 -2.05 4.77 -16.35
N PRO A 175 -2.49 3.82 -15.51
CA PRO A 175 -1.62 3.28 -14.46
C PRO A 175 -0.27 2.78 -15.00
N THR A 176 -0.29 2.16 -16.17
CA THR A 176 0.94 1.64 -16.77
C THR A 176 1.92 2.78 -17.04
N LYS A 177 1.41 3.85 -17.64
CA LYS A 177 2.26 5.00 -17.95
C LYS A 177 2.76 5.68 -16.66
N PHE A 178 1.88 5.81 -15.68
CA PHE A 178 2.29 6.46 -14.42
C PHE A 178 3.38 5.66 -13.71
N LYS A 179 3.23 4.33 -13.67
CA LYS A 179 4.24 3.50 -13.02
C LYS A 179 5.60 3.72 -13.68
N GLN A 180 5.61 3.83 -15.00
CA GLN A 180 6.86 4.04 -15.71
C GLN A 180 7.45 5.40 -15.31
N LEU A 181 6.57 6.37 -15.15
CA LEU A 181 6.98 7.72 -14.76
C LEU A 181 7.57 7.67 -13.36
N TYR A 182 6.90 6.94 -12.47
CA TYR A 182 7.33 6.81 -11.09
C TYR A 182 8.69 6.12 -11.00
N ARG A 183 8.86 5.03 -11.75
CA ARG A 183 10.13 4.32 -11.72
C ARG A 183 11.24 5.27 -12.17
N ALA A 184 10.96 6.00 -13.26
CA ALA A 184 11.93 6.96 -13.79
C ALA A 184 12.31 7.99 -12.73
N ARG A 185 11.31 8.52 -12.02
CA ARG A 185 11.60 9.51 -11.00
C ARG A 185 12.40 8.88 -9.86
N MET A 186 12.10 7.64 -9.51
CA MET A 186 12.85 6.98 -8.45
C MET A 186 14.33 6.97 -8.83
N ASN A 187 14.61 6.83 -10.12
CA ASN A 187 16.00 6.79 -10.57
C ASN A 187 16.70 8.14 -10.59
N THR A 188 16.01 9.20 -10.18
CA THR A 188 16.62 10.52 -10.14
C THR A 188 17.07 10.85 -8.72
N LEU A 189 16.64 10.02 -7.76
CA LEU A 189 17.03 10.23 -6.37
C LEU A 189 18.53 10.11 -6.20
N GLU A 190 19.08 10.92 -5.30
CA GLU A 190 20.51 10.88 -5.00
C GLU A 190 20.75 9.45 -4.51
N MET A 191 21.62 8.72 -5.19
CA MET A 191 21.87 7.34 -4.83
C MET A 191 23.34 6.99 -4.60
N THR A 192 23.59 6.24 -3.54
CA THR A 192 24.93 5.80 -3.19
C THR A 192 24.78 4.32 -2.86
N PRO A 193 25.89 3.57 -2.82
CA PRO A 193 25.76 2.15 -2.50
C PRO A 193 25.02 1.96 -1.18
N GLU A 194 25.38 2.78 -0.19
CA GLU A 194 24.75 2.73 1.13
C GLU A 194 23.24 2.89 1.08
N VAL A 195 22.78 3.95 0.41
CA VAL A 195 21.36 4.20 0.32
C VAL A 195 20.64 3.15 -0.51
N LYS A 196 21.20 2.79 -1.67
CA LYS A 196 20.56 1.82 -2.53
C LYS A 196 20.41 0.46 -1.84
N HIS A 197 21.44 0.04 -1.11
CA HIS A 197 21.39 -1.23 -0.42
C HIS A 197 20.33 -1.24 0.67
N ARG A 198 20.29 -0.17 1.46
CA ARG A 198 19.31 -0.11 2.54
C ARG A 198 17.88 0.10 2.04
N VAL A 199 17.72 0.85 0.95
CA VAL A 199 16.38 1.06 0.40
C VAL A 199 15.80 -0.27 -0.09
N THR A 200 16.62 -1.10 -0.73
CA THR A 200 16.10 -2.38 -1.21
C THR A 200 15.81 -3.31 -0.03
N GLU A 201 16.58 -3.17 1.04
CA GLU A 201 16.37 -4.00 2.22
C GLU A 201 15.07 -3.57 2.90
N GLU A 202 14.81 -2.27 2.97
CA GLU A 202 13.59 -1.81 3.61
C GLU A 202 12.37 -2.23 2.78
N ALA A 203 12.52 -2.30 1.46
CA ALA A 203 11.40 -2.71 0.60
C ALA A 203 11.04 -4.16 0.93
N LYS A 204 12.05 -5.00 1.15
CA LYS A 204 11.80 -6.39 1.51
C LYS A 204 11.08 -6.44 2.86
N THR A 205 11.47 -5.55 3.75
CA THR A 205 10.83 -5.48 5.06
C THR A 205 9.38 -5.04 4.89
N ALA A 206 9.14 -4.09 4.00
CA ALA A 206 7.79 -3.62 3.75
C ALA A 206 6.92 -4.79 3.29
N PHE A 207 7.43 -5.58 2.35
CA PHE A 207 6.68 -6.73 1.87
C PHE A 207 6.35 -7.68 3.01
N LEU A 208 7.31 -7.89 3.90
CA LEU A 208 7.09 -8.80 5.03
C LEU A 208 6.01 -8.27 5.96
N LEU A 209 6.01 -6.96 6.20
CA LEU A 209 4.99 -6.36 7.06
C LEU A 209 3.61 -6.63 6.48
N ASN A 210 3.52 -6.60 5.15
CA ASN A 210 2.25 -6.88 4.48
C ASN A 210 1.88 -8.35 4.63
N ILE A 211 2.84 -9.23 4.40
CA ILE A 211 2.58 -10.65 4.53
C ILE A 211 2.09 -10.98 5.94
N GLU A 212 2.75 -10.42 6.95
CA GLU A 212 2.36 -10.66 8.33
C GLU A 212 0.97 -10.13 8.63
N LEU A 213 0.61 -9.00 8.01
CA LEU A 213 -0.72 -8.44 8.20
C LEU A 213 -1.75 -9.43 7.67
N PHE A 214 -1.54 -9.90 6.44
CA PHE A 214 -2.47 -10.83 5.83
C PHE A 214 -2.54 -12.16 6.56
N GLU A 215 -1.42 -12.62 7.10
CA GLU A 215 -1.43 -13.88 7.83
C GLU A 215 -2.26 -13.67 9.09
N GLU A 216 -2.14 -12.49 9.69
CA GLU A 216 -2.88 -12.16 10.89
C GLU A 216 -4.38 -12.09 10.62
N LEU A 217 -4.75 -11.34 9.58
CA LEU A 217 -6.16 -11.19 9.23
C LEU A 217 -6.80 -12.54 8.90
N GLN A 218 -6.08 -13.37 8.17
CA GLN A 218 -6.58 -14.69 7.81
C GLN A 218 -6.89 -15.50 9.06
N ALA A 219 -6.02 -15.38 10.07
CA ALA A 219 -6.20 -16.10 11.32
C ALA A 219 -7.40 -15.57 12.09
N LEU A 220 -7.57 -14.24 12.10
CA LEU A 220 -8.70 -13.63 12.80
C LEU A 220 -10.03 -14.08 12.22
N LEU A 221 -10.05 -14.33 10.92
CA LEU A 221 -11.26 -14.76 10.24
C LEU A 221 -11.56 -16.23 10.48
N THR A 222 -10.52 -17.07 10.46
CA THR A 222 -10.70 -18.50 10.65
C THR A 222 -10.81 -18.91 12.11
C CYN B . 0.45 -5.68 -6.70
N CYN B . -0.50 -5.48 -6.10
CHA HEM C . 3.83 -5.63 -9.23
CHB HEM C . 0.19 -8.80 -9.14
CHC HEM C . 0.29 -8.72 -4.29
CHD HEM C . 3.36 -5.04 -4.44
C1A HEM C . 2.84 -6.53 -9.66
C2A HEM C . 2.57 -6.87 -11.04
C3A HEM C . 1.49 -7.71 -11.02
C4A HEM C . 1.18 -7.94 -9.60
CMA HEM C . 0.76 -8.33 -12.18
CAA HEM C . 3.38 -6.37 -12.26
CBA HEM C . 3.01 -4.94 -12.77
CGA HEM C . 4.01 -4.22 -13.52
O1A HEM C . 5.01 -4.90 -13.98
O2A HEM C . 3.94 -2.98 -13.74
C1B HEM C . -0.17 -8.98 -7.80
C2B HEM C . -1.30 -9.78 -7.35
C3B HEM C . -1.18 -9.90 -6.00
C4B HEM C . -0.09 -8.99 -5.61
CMB HEM C . -2.37 -10.33 -8.26
CAB HEM C . -1.95 -10.77 -5.05
CBB HEM C . -3.19 -10.07 -4.45
C1C HEM C . 1.14 -7.72 -3.90
C2C HEM C . 1.39 -7.33 -2.52
C3C HEM C . 2.29 -6.34 -2.58
C4C HEM C . 2.55 -6.06 -3.97
CMC HEM C . 0.73 -7.97 -1.31
CAC HEM C . 2.98 -5.63 -1.40
CBC HEM C . 2.05 -4.59 -0.73
C1D HEM C . 3.80 -4.90 -5.76
C2D HEM C . 4.83 -3.95 -6.19
C3D HEM C . 4.91 -4.08 -7.53
C4D HEM C . 3.99 -5.16 -7.92
CMD HEM C . 5.57 -3.05 -5.24
CAD HEM C . 5.75 -3.32 -8.54
CBD HEM C . 7.11 -4.07 -8.88
CGD HEM C . 7.92 -3.34 -9.78
O1D HEM C . 9.08 -2.97 -9.42
O2D HEM C . 7.51 -3.06 -10.94
NA HEM C . 1.99 -7.18 -8.79
NB HEM C . 0.50 -8.42 -6.72
NC HEM C . 1.89 -6.94 -4.79
ND HEM C . 3.32 -5.63 -6.83
FE HEM C . 1.94 -7.07 -6.78
#